data_6XTK
#
_entry.id   6XTK
#
_cell.length_a   42.923
_cell.length_b   65.745
_cell.length_c   83.953
_cell.angle_alpha   90.00
_cell.angle_beta   90.00
_cell.angle_gamma   90.00
#
_symmetry.space_group_name_H-M   'P 21 2 21'
#
loop_
_entity.id
_entity.type
_entity.pdbx_description
1 polymer Transthyretin
2 non-polymer Tolcapone
3 water water
#
_entity_poly.entity_id   1
_entity_poly.type   'polypeptide(L)'
_entity_poly.pdbx_seq_one_letter_code
;CPLMVKVLDAVRGSPAINVAVHVFRKAADDTWEPFASGKTSESGELHGLTTEEEFVEGIYKVEIDTKSYWKALGISPFHE
HAEVVFTANDSGPRRYTIAALLSPCSYSTTAVVTNP
;
_entity_poly.pdbx_strand_id   A,B
#
loop_
_chem_comp.id
_chem_comp.type
_chem_comp.name
_chem_comp.formula
TCW non-polymer Tolcapone 'C14 H11 N O5'
#
# COMPACT_ATOMS: atom_id res chain seq x y z
N CYS A 1 11.91 14.76 15.26
CA CYS A 1 11.66 13.47 14.64
C CYS A 1 10.54 13.68 13.61
N PRO A 2 10.92 13.89 12.34
CA PRO A 2 9.96 14.30 11.31
C PRO A 2 9.27 13.17 10.56
N LEU A 3 9.62 11.91 10.85
CA LEU A 3 9.00 10.77 10.20
C LEU A 3 8.88 9.68 11.26
N MET A 4 7.64 9.31 11.61
CA MET A 4 7.36 8.25 12.56
C MET A 4 6.44 7.25 11.89
N VAL A 5 6.57 5.99 12.25
CA VAL A 5 5.73 4.93 11.72
C VAL A 5 5.09 4.23 12.91
N LYS A 6 3.77 4.03 12.86
CA LYS A 6 3.09 3.31 13.93
C LYS A 6 2.29 2.17 13.33
N VAL A 7 2.39 0.97 13.93
CA VAL A 7 1.72 -0.22 13.40
C VAL A 7 0.91 -0.88 14.52
N LEU A 8 -0.36 -1.17 14.21
CA LEU A 8 -1.31 -1.79 15.13
C LEU A 8 -1.76 -3.13 14.57
N ASP A 9 -2.10 -4.06 15.45
CA ASP A 9 -2.60 -5.39 15.14
C ASP A 9 -4.10 -5.43 15.45
N ALA A 10 -4.93 -5.59 14.40
CA ALA A 10 -6.38 -5.59 14.49
C ALA A 10 -6.97 -6.92 14.96
N VAL A 11 -6.15 -7.97 15.05
CA VAL A 11 -6.58 -9.28 15.55
C VAL A 11 -6.46 -9.36 17.06
N ARG A 12 -5.29 -8.99 17.58
CA ARG A 12 -5.04 -8.98 19.00
C ARG A 12 -5.49 -7.71 19.68
N GLY A 13 -5.73 -6.64 18.92
CA GLY A 13 -6.08 -5.38 19.55
C GLY A 13 -4.93 -4.79 20.34
N SER A 14 -3.80 -4.59 19.69
CA SER A 14 -2.59 -4.27 20.41
C SER A 14 -1.65 -3.57 19.44
N PRO A 15 -0.56 -2.97 19.92
CA PRO A 15 0.52 -2.58 19.02
C PRO A 15 1.08 -3.79 18.30
N ALA A 16 1.54 -3.56 17.08
CA ALA A 16 2.26 -4.60 16.32
C ALA A 16 3.75 -4.43 16.62
N ILE A 17 4.33 -5.37 17.39
CA ILE A 17 5.64 -5.19 17.99
C ILE A 17 6.69 -5.85 17.10
N ASN A 18 7.85 -5.20 16.96
CA ASN A 18 9.00 -5.79 16.27
C ASN A 18 8.74 -5.98 14.77
N VAL A 19 7.99 -5.05 14.17
CA VAL A 19 7.72 -5.09 12.74
C VAL A 19 8.84 -4.35 12.03
N ALA A 20 9.45 -5.00 11.04
CA ALA A 20 10.51 -4.35 10.32
C ALA A 20 9.93 -3.36 9.31
N VAL A 21 10.55 -2.18 9.24
CA VAL A 21 10.13 -1.11 8.35
C VAL A 21 11.37 -0.64 7.59
N HIS A 22 11.29 -0.57 6.26
CA HIS A 22 12.37 -0.05 5.41
C HIS A 22 11.88 1.16 4.64
N VAL A 23 12.66 2.24 4.64
CA VAL A 23 12.27 3.49 3.98
C VAL A 23 13.24 3.78 2.84
N PHE A 24 12.69 4.16 1.68
CA PHE A 24 13.48 4.47 0.48
C PHE A 24 13.11 5.84 -0.04
N ARG A 25 14.03 6.44 -0.80
CA ARG A 25 13.79 7.75 -1.37
C ARG A 25 14.08 7.67 -2.86
N LYS A 26 13.21 8.25 -3.68
CA LYS A 26 13.40 8.13 -5.12
C LYS A 26 14.57 9.01 -5.56
N ALA A 27 15.56 8.42 -6.24
CA ALA A 27 16.76 9.16 -6.65
C ALA A 27 16.56 9.87 -7.98
N ALA A 28 17.54 10.72 -8.32
CA ALA A 28 17.51 11.42 -9.60
C ALA A 28 17.30 10.45 -10.77
N ASP A 29 17.96 9.29 -10.74
CA ASP A 29 17.84 8.34 -11.84
C ASP A 29 16.56 7.51 -11.79
N ASP A 30 15.60 7.86 -10.93
CA ASP A 30 14.33 7.16 -10.79
C ASP A 30 14.44 5.80 -10.11
N THR A 31 15.60 5.44 -9.58
CA THR A 31 15.67 4.23 -8.78
C THR A 31 15.35 4.56 -7.31
N TRP A 32 15.03 3.51 -6.56
CA TRP A 32 14.76 3.61 -5.12
C TRP A 32 16.08 3.46 -4.36
N GLU A 33 16.44 4.48 -3.62
CA GLU A 33 17.62 4.34 -2.80
C GLU A 33 17.27 4.14 -1.32
N PRO A 34 17.99 3.27 -0.62
CA PRO A 34 17.74 3.05 0.81
C PRO A 34 17.91 4.37 1.58
N PHE A 35 16.95 4.65 2.46
CA PHE A 35 16.96 5.90 3.23
C PHE A 35 17.10 5.67 4.73
N ALA A 36 16.34 4.74 5.30
CA ALA A 36 16.41 4.47 6.72
C ALA A 36 15.62 3.20 6.98
N SER A 37 15.94 2.51 8.07
CA SER A 37 15.10 1.37 8.46
C SER A 37 15.11 1.17 9.97
N GLY A 38 14.19 0.33 10.44
CA GLY A 38 14.08 0.08 11.87
C GLY A 38 13.01 -0.95 12.19
N LYS A 39 12.75 -1.16 13.48
CA LYS A 39 11.73 -2.09 13.96
C LYS A 39 10.77 -1.34 14.88
N THR A 40 9.50 -1.67 14.84
CA THR A 40 8.62 -1.04 15.82
C THR A 40 8.94 -1.52 17.23
N SER A 41 8.67 -0.64 18.22
CA SER A 41 8.93 -0.90 19.62
C SER A 41 7.74 -1.61 20.28
N GLU A 42 7.79 -1.74 21.61
CA GLU A 42 6.71 -2.35 22.36
C GLU A 42 5.40 -1.59 22.23
N SER A 43 5.46 -0.31 21.89
CA SER A 43 4.27 0.50 21.72
C SER A 43 3.76 0.49 20.28
N GLY A 44 4.39 -0.29 19.39
CA GLY A 44 4.09 -0.27 17.96
C GLY A 44 4.68 0.89 17.20
N GLU A 45 5.51 1.71 17.84
CA GLU A 45 6.01 2.93 17.22
C GLU A 45 7.47 2.77 16.80
N LEU A 46 7.83 3.48 15.74
CA LEU A 46 9.20 3.49 15.23
C LEU A 46 9.61 4.95 15.13
N HIS A 47 10.48 5.39 16.01
CA HIS A 47 10.99 6.76 16.03
C HIS A 47 12.46 6.78 15.59
N GLY A 48 12.95 7.97 15.28
CA GLY A 48 14.38 8.09 15.03
C GLY A 48 14.83 7.63 13.66
N LEU A 49 13.90 7.45 12.73
CA LEU A 49 14.31 7.01 11.40
C LEU A 49 15.20 8.04 10.74
N THR A 50 14.90 9.33 10.91
CA THR A 50 15.63 10.36 10.18
C THR A 50 15.68 11.65 11.00
N THR A 51 16.21 12.71 10.39
CA THR A 51 16.38 14.02 10.98
C THR A 51 15.82 15.10 10.06
N GLU A 52 15.66 16.30 10.63
CA GLU A 52 15.14 17.43 9.85
C GLU A 52 16.08 17.76 8.69
N GLU A 53 17.39 17.67 8.90
CA GLU A 53 18.34 17.95 7.82
C GLU A 53 18.29 16.87 6.73
N GLU A 54 18.22 15.60 7.14
CA GLU A 54 18.30 14.50 6.17
C GLU A 54 17.01 14.34 5.38
N PHE A 55 15.85 14.68 5.98
CA PHE A 55 14.54 14.44 5.37
C PHE A 55 14.17 15.60 4.46
N VAL A 56 14.79 15.65 3.29
CA VAL A 56 14.55 16.71 2.33
C VAL A 56 13.30 16.41 1.51
N GLU A 57 12.88 17.36 0.69
CA GLU A 57 11.87 17.09 -0.34
C GLU A 57 12.20 15.80 -1.06
N GLY A 58 11.16 15.07 -1.43
CA GLY A 58 11.36 13.91 -2.28
C GLY A 58 10.13 13.03 -2.27
N ILE A 59 10.22 11.95 -3.05
CA ILE A 59 9.21 10.89 -3.00
C ILE A 59 9.78 9.76 -2.15
N TYR A 60 9.02 9.35 -1.14
CA TYR A 60 9.48 8.34 -0.22
C TYR A 60 8.59 7.11 -0.28
N LYS A 61 9.17 5.97 0.05
CA LYS A 61 8.48 4.68 0.06
C LYS A 61 8.74 4.06 1.42
N VAL A 62 7.67 3.76 2.16
CA VAL A 62 7.76 3.06 3.44
C VAL A 62 7.21 1.66 3.21
N GLU A 63 8.07 0.66 3.34
N GLU A 63 8.07 0.66 3.34
CA GLU A 63 7.72 -0.74 3.13
CA GLU A 63 7.71 -0.75 3.13
C GLU A 63 7.64 -1.43 4.50
C GLU A 63 7.64 -1.42 4.49
N ILE A 64 6.45 -1.87 4.88
CA ILE A 64 6.24 -2.47 6.19
C ILE A 64 6.22 -3.98 6.01
N ASP A 65 7.10 -4.70 6.71
CA ASP A 65 7.21 -6.15 6.52
C ASP A 65 6.11 -6.87 7.30
N THR A 66 4.90 -6.80 6.74
CA THR A 66 3.76 -7.43 7.43
C THR A 66 3.82 -8.95 7.36
N LYS A 67 4.40 -9.50 6.28
CA LYS A 67 4.44 -10.94 6.12
C LYS A 67 5.24 -11.60 7.25
N SER A 68 6.46 -11.11 7.52
CA SER A 68 7.25 -11.68 8.62
C SER A 68 6.52 -11.53 9.95
N TYR A 69 5.85 -10.40 10.16
CA TYR A 69 5.09 -10.22 11.40
C TYR A 69 4.13 -11.37 11.62
N TRP A 70 3.26 -11.61 10.63
CA TRP A 70 2.21 -12.62 10.77
C TRP A 70 2.80 -14.01 10.82
N LYS A 71 3.83 -14.27 9.99
CA LYS A 71 4.41 -15.62 9.96
C LYS A 71 5.00 -15.98 11.32
N ALA A 72 5.68 -15.03 11.98
CA ALA A 72 6.20 -15.26 13.32
C ALA A 72 5.10 -15.55 14.34
N LEU A 73 3.85 -15.20 14.06
CA LEU A 73 2.72 -15.54 14.90
C LEU A 73 1.98 -16.78 14.43
N GLY A 74 2.52 -17.52 13.45
CA GLY A 74 1.90 -18.73 12.93
C GLY A 74 0.79 -18.50 11.92
N ILE A 75 0.69 -17.31 11.35
CA ILE A 75 -0.38 -16.99 10.43
C ILE A 75 0.22 -16.80 9.04
N SER A 76 -0.42 -17.38 8.04
CA SER A 76 0.00 -17.14 6.66
C SER A 76 -0.84 -16.02 6.10
N PRO A 77 -0.31 -14.82 5.95
CA PRO A 77 -1.12 -13.67 5.54
C PRO A 77 -1.26 -13.59 4.01
N PHE A 78 -2.11 -12.68 3.58
CA PHE A 78 -2.37 -12.51 2.16
C PHE A 78 -1.28 -11.70 1.47
N HIS A 79 -0.88 -10.59 2.09
CA HIS A 79 0.01 -9.63 1.44
C HIS A 79 1.48 -9.94 1.68
N GLU A 80 2.30 -9.60 0.69
CA GLU A 80 3.75 -9.74 0.88
C GLU A 80 4.27 -8.70 1.86
N HIS A 81 3.70 -7.51 1.82
CA HIS A 81 4.12 -6.37 2.64
C HIS A 81 3.05 -5.32 2.43
N ALA A 82 3.23 -4.18 3.10
CA ALA A 82 2.38 -3.03 2.87
C ALA A 82 3.31 -1.86 2.56
N GLU A 83 3.15 -1.28 1.38
CA GLU A 83 3.98 -0.19 0.88
C GLU A 83 3.18 1.10 0.93
N VAL A 84 3.81 2.18 1.37
CA VAL A 84 3.16 3.49 1.42
C VAL A 84 4.11 4.45 0.68
N VAL A 85 3.64 5.09 -0.39
CA VAL A 85 4.50 5.95 -1.21
C VAL A 85 3.91 7.34 -1.27
N PHE A 86 4.72 8.36 -0.99
CA PHE A 86 4.18 9.71 -0.89
C PHE A 86 5.26 10.75 -1.14
N THR A 87 4.82 11.93 -1.58
CA THR A 87 5.70 13.07 -1.70
C THR A 87 5.75 13.80 -0.37
N ALA A 88 6.94 14.07 0.12
CA ALA A 88 7.13 14.75 1.38
C ALA A 88 7.77 16.13 1.17
N ASN A 89 7.32 17.09 1.98
CA ASN A 89 7.94 18.40 2.17
C ASN A 89 7.80 19.33 0.97
N ASP A 90 6.85 19.07 0.07
CA ASP A 90 6.77 19.86 -1.16
C ASP A 90 6.44 21.33 -0.88
N SER A 91 5.74 21.62 0.22
CA SER A 91 5.43 22.99 0.60
C SER A 91 6.18 23.42 1.86
N GLY A 92 7.34 22.80 2.13
CA GLY A 92 8.10 23.08 3.31
C GLY A 92 8.14 21.87 4.21
N PRO A 93 8.99 21.88 5.23
CA PRO A 93 9.09 20.74 6.13
C PRO A 93 7.77 20.47 6.84
N ARG A 94 7.42 19.19 6.95
CA ARG A 94 6.28 18.78 7.78
C ARG A 94 6.72 17.65 8.71
N ARG A 95 5.89 17.33 9.69
CA ARG A 95 6.10 16.09 10.44
C ARG A 95 5.05 15.07 10.01
N TYR A 96 5.49 13.85 9.75
CA TYR A 96 4.65 12.81 9.17
C TYR A 96 4.59 11.62 10.10
N THR A 97 3.37 11.19 10.45
CA THR A 97 3.18 9.86 11.04
C THR A 97 2.49 9.00 10.00
N ILE A 98 3.11 7.89 9.65
CA ILE A 98 2.51 6.87 8.79
C ILE A 98 2.02 5.76 9.70
N ALA A 99 0.71 5.53 9.74
CA ALA A 99 0.15 4.51 10.61
C ALA A 99 -0.47 3.42 9.75
N ALA A 100 -0.34 2.19 10.19
CA ALA A 100 -0.94 1.05 9.51
C ALA A 100 -1.63 0.16 10.53
N LEU A 101 -2.82 -0.32 10.18
CA LEU A 101 -3.57 -1.25 11.01
C LEU A 101 -3.61 -2.58 10.27
N LEU A 102 -3.14 -3.65 10.91
CA LEU A 102 -2.92 -4.91 10.20
C LEU A 102 -3.91 -6.01 10.57
N SER A 103 -4.43 -6.69 9.56
CA SER A 103 -5.12 -7.97 9.68
C SER A 103 -4.49 -8.94 8.73
N PRO A 104 -4.70 -10.24 8.92
CA PRO A 104 -4.03 -11.22 8.07
C PRO A 104 -4.28 -11.06 6.57
N CYS A 105 -5.50 -10.65 6.17
CA CYS A 105 -5.85 -10.47 4.75
C CYS A 105 -6.26 -9.05 4.43
N SER A 106 -5.88 -8.08 5.26
CA SER A 106 -6.30 -6.73 4.99
C SER A 106 -5.38 -5.78 5.75
N TYR A 107 -5.20 -4.57 5.24
CA TYR A 107 -4.60 -3.53 6.08
C TYR A 107 -5.14 -2.18 5.65
N SER A 108 -5.04 -1.21 6.54
CA SER A 108 -5.36 0.15 6.17
C SER A 108 -4.18 1.00 6.59
N THR A 109 -4.04 2.13 5.91
CA THR A 109 -2.95 3.03 6.27
C THR A 109 -3.44 4.46 6.23
N THR A 110 -2.91 5.29 7.12
CA THR A 110 -3.27 6.69 7.06
C THR A 110 -2.04 7.54 7.35
N ALA A 111 -2.17 8.81 7.09
CA ALA A 111 -1.10 9.77 7.32
C ALA A 111 -1.61 10.85 8.25
N VAL A 112 -0.79 11.22 9.22
CA VAL A 112 -1.03 12.39 10.06
C VAL A 112 0.13 13.35 9.79
N VAL A 113 -0.19 14.50 9.18
CA VAL A 113 0.79 15.48 8.73
C VAL A 113 0.54 16.75 9.53
N THR A 114 1.54 17.16 10.30
CA THR A 114 1.43 18.35 11.12
C THR A 114 2.59 19.29 10.81
N ASN A 115 2.37 20.58 11.12
CA ASN A 115 3.33 21.64 10.85
C ASN A 115 4.03 22.02 12.14
N PRO A 116 5.29 21.62 12.37
CA PRO A 116 5.97 21.78 13.67
C PRO A 116 6.14 23.23 14.11
N CYS B 1 -13.62 -14.94 -14.64
CA CYS B 1 -12.54 -14.08 -14.17
C CYS B 1 -12.03 -14.55 -12.81
N PRO B 2 -10.75 -14.93 -12.77
CA PRO B 2 -10.14 -15.34 -11.49
C PRO B 2 -9.59 -14.18 -10.67
N LEU B 3 -9.62 -12.96 -11.20
CA LEU B 3 -8.99 -11.81 -10.55
C LEU B 3 -9.80 -10.57 -10.87
N MET B 4 -10.31 -9.91 -9.82
CA MET B 4 -11.14 -8.73 -10.00
C MET B 4 -10.71 -7.67 -8.99
N VAL B 5 -10.86 -6.42 -9.38
CA VAL B 5 -10.47 -5.30 -8.52
C VAL B 5 -11.68 -4.40 -8.34
N LYS B 6 -11.97 -4.02 -7.09
CA LYS B 6 -13.10 -3.15 -6.79
C LYS B 6 -12.58 -1.99 -5.96
N VAL B 7 -12.93 -0.78 -6.35
CA VAL B 7 -12.45 0.44 -5.71
C VAL B 7 -13.64 1.29 -5.30
N LEU B 8 -13.63 1.77 -4.05
CA LEU B 8 -14.70 2.55 -3.44
C LEU B 8 -14.13 3.88 -2.97
N ASP B 9 -15.00 4.90 -2.96
CA ASP B 9 -14.67 6.28 -2.60
C ASP B 9 -15.33 6.59 -1.25
N ALA B 10 -14.51 6.77 -0.21
CA ALA B 10 -15.01 7.00 1.15
C ALA B 10 -15.46 8.43 1.39
N VAL B 11 -15.15 9.36 0.49
CA VAL B 11 -15.56 10.75 0.65
C VAL B 11 -16.95 10.96 0.08
N ARG B 12 -17.14 10.44 -1.13
CA ARG B 12 -18.41 10.50 -1.83
C ARG B 12 -19.36 9.37 -1.45
N GLY B 13 -18.88 8.30 -0.82
CA GLY B 13 -19.76 7.17 -0.51
C GLY B 13 -20.33 6.51 -1.76
N SER B 14 -19.45 6.14 -2.68
CA SER B 14 -19.86 5.65 -3.98
C SER B 14 -18.73 4.80 -4.55
N PRO B 15 -18.99 4.07 -5.62
CA PRO B 15 -17.89 3.48 -6.37
C PRO B 15 -16.94 4.56 -6.82
N ALA B 16 -15.66 4.19 -6.93
CA ALA B 16 -14.62 5.04 -7.49
C ALA B 16 -14.49 4.68 -8.97
N ILE B 17 -14.95 5.58 -9.83
CA ILE B 17 -15.16 5.31 -11.24
C ILE B 17 -13.97 5.80 -12.05
N ASN B 18 -13.57 5.02 -13.04
CA ASN B 18 -12.53 5.44 -13.99
C ASN B 18 -11.17 5.59 -13.31
N VAL B 19 -10.94 4.73 -12.34
CA VAL B 19 -9.63 4.63 -11.70
C VAL B 19 -8.77 3.66 -12.51
N ALA B 20 -7.59 4.13 -12.92
CA ALA B 20 -6.65 3.25 -13.61
C ALA B 20 -6.01 2.25 -12.65
N VAL B 21 -5.92 1.00 -13.10
CA VAL B 21 -5.36 -0.12 -12.34
C VAL B 21 -4.40 -0.88 -13.23
N HIS B 22 -3.18 -1.11 -12.76
CA HIS B 22 -2.18 -1.91 -13.46
C HIS B 22 -1.78 -3.11 -12.61
N VAL B 23 -1.72 -4.29 -13.21
CA VAL B 23 -1.33 -5.50 -12.51
C VAL B 23 -0.03 -5.99 -13.12
N PHE B 24 0.91 -6.42 -12.25
CA PHE B 24 2.21 -6.93 -12.65
C PHE B 24 2.43 -8.28 -12.00
N ARG B 25 3.25 -9.11 -12.65
CA ARG B 25 3.70 -10.38 -12.08
C ARG B 25 5.21 -10.32 -11.87
N LYS B 26 5.66 -10.91 -10.77
CA LYS B 26 7.10 -10.92 -10.47
C LYS B 26 7.79 -11.92 -11.39
N ALA B 27 8.78 -11.46 -12.15
CA ALA B 27 9.53 -12.33 -13.05
C ALA B 27 10.73 -12.92 -12.30
N ALA B 28 11.29 -14.00 -12.87
CA ALA B 28 12.44 -14.68 -12.27
C ALA B 28 13.51 -13.67 -11.83
N ASP B 29 13.73 -12.65 -12.65
CA ASP B 29 14.69 -11.59 -12.35
C ASP B 29 14.27 -10.76 -11.14
N ASP B 30 13.14 -11.12 -10.54
CA ASP B 30 12.52 -10.29 -9.52
C ASP B 30 12.21 -8.89 -10.04
N THR B 31 12.01 -8.80 -11.33
CA THR B 31 11.49 -7.60 -11.98
C THR B 31 9.98 -7.70 -12.08
N TRP B 32 9.31 -6.55 -11.97
CA TRP B 32 7.86 -6.52 -12.14
C TRP B 32 7.54 -6.44 -13.63
N GLU B 33 6.92 -7.48 -14.15
CA GLU B 33 6.50 -7.60 -15.54
C GLU B 33 5.03 -7.23 -15.70
N PRO B 34 4.70 -6.34 -16.63
CA PRO B 34 3.28 -6.01 -16.86
C PRO B 34 2.46 -7.26 -17.16
N PHE B 35 1.22 -7.26 -16.67
CA PHE B 35 0.36 -8.44 -16.73
C PHE B 35 -1.04 -8.10 -17.24
N ALA B 36 -1.69 -7.08 -16.68
CA ALA B 36 -3.00 -6.65 -17.12
C ALA B 36 -3.23 -5.22 -16.63
N SER B 37 -4.25 -4.56 -17.20
CA SER B 37 -4.62 -3.23 -16.71
C SER B 37 -6.00 -2.87 -17.22
N GLY B 38 -6.57 -1.82 -16.63
CA GLY B 38 -7.89 -1.35 -17.03
C GLY B 38 -8.30 -0.17 -16.17
N LYS B 39 -9.54 0.26 -16.37
CA LYS B 39 -10.16 1.33 -15.59
C LYS B 39 -11.42 0.78 -14.93
N THR B 40 -11.65 1.15 -13.67
CA THR B 40 -12.86 0.68 -13.03
C THR B 40 -14.10 1.20 -13.75
N SER B 41 -15.17 0.41 -13.69
CA SER B 41 -16.46 0.75 -14.29
C SER B 41 -17.27 1.70 -13.40
N GLU B 42 -18.53 1.96 -13.81
CA GLU B 42 -19.43 2.78 -13.01
C GLU B 42 -19.76 2.15 -11.68
N SER B 43 -19.59 0.85 -11.55
CA SER B 43 -19.77 0.15 -10.28
C SER B 43 -18.49 0.07 -9.49
N GLY B 44 -17.43 0.74 -9.96
CA GLY B 44 -16.14 0.64 -9.32
C GLY B 44 -15.43 -0.68 -9.52
N GLU B 45 -15.90 -1.54 -10.42
CA GLU B 45 -15.33 -2.86 -10.60
C GLU B 45 -14.52 -2.92 -11.89
N LEU B 46 -13.47 -3.73 -11.86
CA LEU B 46 -12.65 -3.97 -13.06
C LEU B 46 -12.58 -5.49 -13.24
N HIS B 47 -13.29 -5.99 -14.23
CA HIS B 47 -13.36 -7.45 -14.48
C HIS B 47 -12.53 -7.81 -15.71
N GLY B 48 -12.39 -9.10 -15.94
CA GLY B 48 -11.79 -9.56 -17.18
C GLY B 48 -10.35 -9.12 -17.33
N LEU B 49 -9.63 -9.04 -16.22
CA LEU B 49 -8.21 -8.69 -16.30
C LEU B 49 -7.39 -9.86 -16.84
N THR B 50 -7.81 -11.09 -16.56
CA THR B 50 -7.00 -12.24 -16.93
C THR B 50 -7.92 -13.45 -17.12
N THR B 51 -7.32 -14.58 -17.47
CA THR B 51 -8.02 -15.84 -17.67
C THR B 51 -7.47 -16.85 -16.66
N GLU B 52 -8.19 -17.96 -16.50
CA GLU B 52 -7.74 -18.98 -15.55
C GLU B 52 -6.43 -19.64 -16.01
N GLU B 53 -6.25 -19.84 -17.32
CA GLU B 53 -5.02 -20.44 -17.79
C GLU B 53 -3.82 -19.52 -17.56
N GLU B 54 -4.01 -18.20 -17.75
CA GLU B 54 -2.92 -17.24 -17.65
C GLU B 54 -2.56 -16.89 -16.20
N PHE B 55 -3.52 -17.04 -15.27
CA PHE B 55 -3.35 -16.62 -13.88
C PHE B 55 -2.74 -17.77 -13.07
N VAL B 56 -1.44 -17.94 -13.23
CA VAL B 56 -0.73 -19.02 -12.53
C VAL B 56 -0.28 -18.53 -11.17
N GLU B 57 0.06 -19.49 -10.30
CA GLU B 57 0.69 -19.16 -9.03
C GLU B 57 1.85 -18.20 -9.24
N GLY B 58 2.02 -17.30 -8.28
CA GLY B 58 3.12 -16.37 -8.32
C GLY B 58 2.82 -15.18 -7.43
N ILE B 59 3.72 -14.21 -7.49
CA ILE B 59 3.54 -12.97 -6.74
C ILE B 59 3.06 -11.90 -7.69
N TYR B 60 1.95 -11.26 -7.32
CA TYR B 60 1.37 -10.22 -8.16
C TYR B 60 1.34 -8.90 -7.43
N LYS B 61 1.40 -7.83 -8.22
CA LYS B 61 1.37 -6.45 -7.74
C LYS B 61 0.21 -5.75 -8.44
N VAL B 62 -0.72 -5.17 -7.66
CA VAL B 62 -1.79 -4.35 -8.19
C VAL B 62 -1.51 -2.89 -7.82
N GLU B 63 -1.33 -2.03 -8.82
CA GLU B 63 -1.09 -0.61 -8.59
C GLU B 63 -2.32 0.20 -8.97
N ILE B 64 -2.92 0.89 -7.99
CA ILE B 64 -4.12 1.67 -8.18
C ILE B 64 -3.73 3.14 -8.25
N ASP B 65 -4.12 3.84 -9.33
CA ASP B 65 -3.69 5.24 -9.51
C ASP B 65 -4.62 6.15 -8.74
N THR B 66 -4.41 6.16 -7.43
CA THR B 66 -5.28 6.97 -6.58
C THR B 66 -5.05 8.46 -6.79
N LYS B 67 -3.80 8.86 -7.11
CA LYS B 67 -3.50 10.28 -7.19
C LYS B 67 -4.30 10.94 -8.31
N SER B 68 -4.34 10.28 -9.49
CA SER B 68 -5.10 10.83 -10.61
C SER B 68 -6.58 10.91 -10.30
N TYR B 69 -7.11 9.89 -9.60
CA TYR B 69 -8.51 9.90 -9.22
C TYR B 69 -8.85 11.15 -8.41
N TRP B 70 -8.09 11.40 -7.34
CA TRP B 70 -8.38 12.56 -6.50
C TRP B 70 -8.13 13.85 -7.26
N LYS B 71 -7.04 13.90 -8.04
CA LYS B 71 -6.79 15.06 -8.89
C LYS B 71 -8.02 15.37 -9.75
N ALA B 72 -8.56 14.36 -10.44
CA ALA B 72 -9.72 14.60 -11.29
C ALA B 72 -10.91 15.16 -10.53
N LEU B 73 -10.96 14.94 -9.21
CA LEU B 73 -12.05 15.43 -8.39
C LEU B 73 -11.72 16.74 -7.72
N GLY B 74 -10.54 17.30 -7.99
CA GLY B 74 -10.11 18.52 -7.34
C GLY B 74 -9.82 18.38 -5.86
N ILE B 75 -9.32 17.24 -5.42
CA ILE B 75 -9.05 16.98 -4.00
C ILE B 75 -7.60 16.59 -3.83
N SER B 76 -6.95 17.16 -2.83
CA SER B 76 -5.51 17.00 -2.68
C SER B 76 -5.18 15.66 -2.03
N PRO B 77 -4.46 14.78 -2.72
CA PRO B 77 -4.21 13.45 -2.15
C PRO B 77 -2.85 13.36 -1.49
N PHE B 78 -2.72 12.46 -0.53
CA PHE B 78 -1.42 12.22 0.11
C PHE B 78 -0.54 11.23 -0.65
N HIS B 79 -1.08 10.10 -1.10
CA HIS B 79 -0.30 9.02 -1.64
C HIS B 79 -0.04 9.20 -3.13
N GLU B 80 1.09 8.65 -3.60
CA GLU B 80 1.36 8.62 -5.04
C GLU B 80 0.45 7.62 -5.76
N HIS B 81 0.15 6.52 -5.11
CA HIS B 81 -0.69 5.43 -5.61
C HIS B 81 -0.93 4.49 -4.44
N ALA B 82 -1.65 3.43 -4.69
CA ALA B 82 -1.86 2.37 -3.71
C ALA B 82 -1.44 1.06 -4.35
N GLU B 83 -0.48 0.38 -3.74
CA GLU B 83 0.03 -0.88 -4.25
C GLU B 83 -0.42 -2.02 -3.35
N VAL B 84 -0.83 -3.13 -3.97
CA VAL B 84 -1.21 -4.33 -3.25
C VAL B 84 -0.39 -5.47 -3.84
N VAL B 85 0.41 -6.12 -2.99
CA VAL B 85 1.30 -7.19 -3.42
C VAL B 85 0.96 -8.45 -2.65
N PHE B 86 0.71 -9.54 -3.38
CA PHE B 86 0.24 -10.78 -2.76
C PHE B 86 0.69 -11.99 -3.55
N THR B 87 0.62 -13.16 -2.91
CA THR B 87 0.90 -14.42 -3.59
C THR B 87 -0.42 -15.11 -3.92
N ALA B 88 -0.57 -15.49 -5.20
CA ALA B 88 -1.72 -16.26 -5.65
C ALA B 88 -1.45 -17.75 -5.47
N ASN B 89 -2.47 -18.47 -4.99
CA ASN B 89 -2.41 -19.82 -4.40
C ASN B 89 -1.07 -20.52 -4.43
N ARG B 94 -8.55 -20.38 -6.93
CA ARG B 94 -9.81 -19.79 -6.49
C ARG B 94 -10.02 -18.43 -7.18
N ARG B 95 -11.11 -17.74 -6.86
CA ARG B 95 -11.37 -16.41 -7.39
C ARG B 95 -10.93 -15.35 -6.38
N TYR B 96 -10.22 -14.34 -6.86
CA TYR B 96 -9.67 -13.27 -6.04
C TYR B 96 -10.33 -11.95 -6.39
N THR B 97 -10.87 -11.26 -5.38
CA THR B 97 -11.22 -9.87 -5.46
C THR B 97 -10.29 -9.07 -4.55
N ILE B 98 -9.63 -8.09 -5.11
CA ILE B 98 -8.82 -7.14 -4.36
C ILE B 98 -9.66 -5.88 -4.26
N ALA B 99 -10.11 -5.53 -3.05
CA ALA B 99 -10.94 -4.34 -2.88
C ALA B 99 -10.13 -3.27 -2.16
N ALA B 100 -10.36 -2.02 -2.56
CA ALA B 100 -9.71 -0.88 -1.95
C ALA B 100 -10.73 0.21 -1.62
N LEU B 101 -10.63 0.74 -0.41
CA LEU B 101 -11.50 1.84 -0.01
C LEU B 101 -10.61 3.07 0.12
N LEU B 102 -10.92 4.12 -0.64
CA LEU B 102 -10.02 5.26 -0.79
C LEU B 102 -10.52 6.52 -0.07
N SER B 103 -9.63 7.15 0.69
CA SER B 103 -9.76 8.53 1.14
C SER B 103 -8.55 9.33 0.70
N PRO B 104 -8.63 10.66 0.69
CA PRO B 104 -7.49 11.44 0.18
C PRO B 104 -6.18 11.17 0.91
N CYS B 105 -6.23 10.90 2.22
CA CYS B 105 -5.02 10.67 2.99
C CYS B 105 -4.97 9.30 3.63
N SER B 106 -5.79 8.37 3.16
CA SER B 106 -5.85 7.05 3.77
C SER B 106 -6.42 6.09 2.75
N TYR B 107 -6.00 4.82 2.82
CA TYR B 107 -6.76 3.79 2.11
C TYR B 107 -6.67 2.47 2.87
N SER B 108 -7.60 1.57 2.56
CA SER B 108 -7.55 0.23 3.11
C SER B 108 -7.79 -0.74 1.98
N THR B 109 -7.30 -1.94 2.15
CA THR B 109 -7.46 -2.92 1.08
C THR B 109 -7.68 -4.27 1.71
N THR B 110 -8.49 -5.11 1.09
CA THR B 110 -8.67 -6.44 1.64
C THR B 110 -8.78 -7.39 0.47
N ALA B 111 -8.60 -8.67 0.77
CA ALA B 111 -8.76 -9.77 -0.17
C ALA B 111 -10.07 -10.48 0.14
N VAL B 112 -10.85 -10.74 -0.90
CA VAL B 112 -12.05 -11.54 -0.77
C VAL B 112 -11.85 -12.72 -1.72
N VAL B 113 -11.49 -13.86 -1.16
CA VAL B 113 -11.19 -15.06 -1.93
C VAL B 113 -12.34 -16.03 -1.72
N THR B 114 -12.93 -16.48 -2.82
CA THR B 114 -14.08 -17.38 -2.77
C THR B 114 -13.85 -18.55 -3.71
N ASN B 115 -14.57 -19.64 -3.46
CA ASN B 115 -14.44 -20.86 -4.25
C ASN B 115 -15.76 -21.17 -4.93
N PRO B 116 -15.80 -21.20 -6.28
CA PRO B 116 -17.00 -21.56 -7.07
C PRO B 116 -17.22 -23.07 -7.15
O13 TCW C . -6.33 3.64 15.40
C12 TCW C . -5.43 4.08 14.80
C4 TCW C . -4.35 4.83 15.54
C3 TCW C . -4.19 4.54 16.86
C2 TCW C . -3.25 5.19 17.58
O7 TCW C . -3.13 4.85 18.92
C5 TCW C . -3.59 5.78 14.93
C6 TCW C . -2.65 6.44 15.66
N9 TCW C . -1.86 7.43 15.00
O11 TCW C . -1.98 7.56 13.85
O10 TCW C . -1.12 8.08 15.60
C1 TCW C . -2.47 6.16 17.00
O8 TCW C . -1.52 6.82 17.73
C14 TCW C . -5.40 3.84 13.32
C19 TCW C . -6.58 3.58 12.67
C18 TCW C . -6.53 3.32 11.33
C17 TCW C . -5.32 3.36 10.69
C20 TCW C . -5.22 3.10 9.21
C16 TCW C . -4.15 3.61 11.35
C15 TCW C . -4.18 3.85 12.70
H3 TCW C . -4.80 3.78 17.33
HO7 TCW C . -3.45 5.55 19.46
H5 TCW C . -3.73 6.00 13.88
HO8 TCW C . -1.27 7.62 17.29
H19 TCW C . -7.52 3.55 13.20
H18 TCW C . -7.44 3.12 10.78
H20 TCW C . -4.29 2.57 8.99
H20A TCW C . -6.06 2.50 8.89
H20B TCW C . -5.23 4.04 8.68
H16 TCW C . -3.21 3.60 10.82
H15 TCW C . -3.27 4.06 13.25
O13 TCW D . -17.06 -1.40 1.43
C12 TCW D . -16.34 -2.18 0.89
C4 TCW D . -16.93 -3.13 -0.15
C3 TCW D . -18.12 -2.78 -0.74
C2 TCW D . -18.71 -3.59 -1.70
O7 TCW D . -19.93 -3.20 -2.27
C5 TCW D . -16.30 -4.31 -0.52
C6 TCW D . -16.88 -5.13 -1.48
N9 TCW D . -16.22 -6.36 -1.90
O11 TCW D . -15.10 -6.58 -1.58
O10 TCW D . -16.79 -7.14 -2.57
C1 TCW D . -18.08 -4.76 -2.08
O8 TCW D . -18.67 -5.60 -3.05
C14 TCW D . -14.87 -2.21 1.26
C19 TCW D . -14.50 -2.12 2.59
C18 TCW D . -13.18 -2.15 2.95
C17 TCW D . -12.22 -2.26 1.97
C20 TCW D . -10.75 -2.30 2.36
C16 TCW D . -12.56 -2.34 0.63
C15 TCW D . -13.90 -2.31 0.27
H3 TCW D . -18.62 -1.86 -0.44
HO7 TCW D . -20.57 -3.88 -2.14
H5 TCW D . -15.36 -4.58 -0.06
HO8 TCW D . -19.60 -5.63 -2.93
H19 TCW D . -15.27 -2.04 3.36
H18 TCW D . -12.90 -2.08 3.99
H20 TCW D . -10.16 -1.78 1.61
H20A TCW D . -10.62 -1.81 3.32
H20B TCW D . -10.42 -3.33 2.44
H16 TCW D . -11.81 -2.44 -0.13
H15 TCW D . -14.19 -2.37 -0.77
#